data_3LYP
#
_entry.id   3LYP
#
_cell.length_a   43.591
_cell.length_b   53.917
_cell.length_c   54.496
_cell.angle_alpha   85.280
_cell.angle_beta   71.050
_cell.angle_gamma   66.710
#
_symmetry.space_group_name_H-M   'P 1'
#
loop_
_entity.id
_entity.type
_entity.pdbx_description
1 polymer 'Stringent starvation protein A'
2 water water
#
_entity_poly.entity_id   1
_entity_poly.type   'polypeptide(L)'
_entity_poly.pdbx_seq_one_letter_code
;(MSE)SLGVTNRLACYSDPADHYSHRVRIVLAEKGVSAEIISVEAGRQPPKLIEVNPYGSLPTLVDRDLALWESTVV
(MSE)EYLDERYPHPPLLPVYPVARANSRLLIHRIQRDWCGQVDLILDPRTKEAARVQARKELRESLTGVSPLFADKPFF
LSEEQSLVDCCLLPILWRLPVLGIELPRQAKPLLDY(MSE)ERQFAREAFQASLSGVERD(MSE)REGHHHHHH
;
_entity_poly.pdbx_strand_id   A,B
#
# COMPACT_ATOMS: atom_id res chain seq x y z
N ARG A 8 3.78 26.63 7.30
CA ARG A 8 2.46 26.05 6.91
C ARG A 8 2.68 24.81 6.03
N LEU A 9 1.77 24.52 5.10
CA LEU A 9 1.81 23.24 4.35
C LEU A 9 3.00 23.25 3.38
N ALA A 10 3.83 22.22 3.48
CA ALA A 10 4.98 22.13 2.58
C ALA A 10 5.15 20.71 2.15
N CYS A 11 5.78 20.54 1.00
CA CYS A 11 6.08 19.20 0.49
C CYS A 11 7.52 19.16 0.08
N TYR A 12 8.33 18.34 0.76
CA TYR A 12 9.68 18.04 0.29
C TYR A 12 9.53 17.07 -0.87
N SER A 13 10.09 17.43 -2.03
CA SER A 13 9.80 16.75 -3.29
C SER A 13 11.09 16.54 -4.08
N ASP A 14 11.28 15.36 -4.65
CA ASP A 14 12.34 15.16 -5.65
C ASP A 14 11.80 15.58 -7.01
N PRO A 15 12.34 16.65 -7.60
CA PRO A 15 11.78 17.14 -8.87
C PRO A 15 11.88 16.16 -10.02
N ALA A 16 12.76 15.17 -9.88
CA ALA A 16 12.93 14.17 -10.95
C ALA A 16 12.09 12.92 -10.81
N ASP A 17 11.55 12.70 -9.62
CA ASP A 17 11.05 11.36 -9.27
C ASP A 17 9.54 11.23 -9.43
N HIS A 18 9.08 10.13 -10.02
CA HIS A 18 7.66 9.95 -10.33
C HIS A 18 6.80 9.82 -9.08
N TYR A 19 7.35 9.32 -7.97
CA TYR A 19 6.56 9.24 -6.71
C TYR A 19 6.30 10.63 -6.13
N SER A 20 7.27 11.52 -6.24
CA SER A 20 7.00 12.92 -5.85
C SER A 20 6.05 13.60 -6.81
N HIS A 21 6.17 13.26 -8.10
CA HIS A 21 5.29 13.84 -9.13
C HIS A 21 3.82 13.49 -8.82
N ARG A 22 3.56 12.26 -8.34
CA ARG A 22 2.19 11.92 -7.93
C ARG A 22 1.60 12.92 -6.97
N VAL A 23 2.38 13.23 -5.92
CA VAL A 23 1.88 14.13 -4.88
C VAL A 23 1.75 15.56 -5.42
N ARG A 24 2.67 15.98 -6.29
CA ARG A 24 2.58 17.33 -6.90
C ARG A 24 1.34 17.47 -7.79
N ILE A 25 0.89 16.39 -8.43
CA ILE A 25 -0.37 16.40 -9.16
C ILE A 25 -1.55 16.59 -8.21
N VAL A 26 -1.60 15.77 -7.15
CA VAL A 26 -2.69 15.88 -6.18
C VAL A 26 -2.74 17.29 -5.58
N LEU A 27 -1.57 17.85 -5.21
CA LEU A 27 -1.57 19.18 -4.59
C LEU A 27 -2.13 20.20 -5.55
N ALA A 28 -1.77 20.08 -6.84
CA ALA A 28 -2.27 20.99 -7.83
C ALA A 28 -3.79 20.83 -8.08
N GLU A 29 -4.23 19.57 -8.10
CA GLU A 29 -5.67 19.27 -8.31
C GLU A 29 -6.50 19.90 -7.19
N LYS A 30 -6.00 19.82 -5.97
CA LYS A 30 -6.74 20.30 -4.79
C LYS A 30 -6.63 21.80 -4.59
N GLY A 31 -5.68 22.45 -5.28
CA GLY A 31 -5.52 23.91 -5.15
C GLY A 31 -5.19 24.28 -3.73
N VAL A 32 -4.25 23.58 -3.11
CA VAL A 32 -4.06 23.81 -1.67
C VAL A 32 -2.94 24.76 -1.25
N SER A 33 -2.34 25.43 -2.23
CA SER A 33 -1.34 26.45 -1.95
C SER A 33 -0.10 25.87 -1.19
N ALA A 34 0.31 24.62 -1.44
CA ALA A 34 1.48 24.04 -0.74
C ALA A 34 2.84 24.60 -1.17
N GLU A 35 3.77 24.79 -0.22
CA GLU A 35 5.19 25.17 -0.51
C GLU A 35 5.88 23.93 -1.02
N ILE A 36 6.45 23.99 -2.21
CA ILE A 36 7.19 22.86 -2.77
C ILE A 36 8.64 23.09 -2.51
N ILE A 37 9.24 22.18 -1.77
CA ILE A 37 10.64 22.28 -1.44
C ILE A 37 11.42 21.23 -2.19
N SER A 38 12.14 21.64 -3.22
CA SER A 38 12.96 20.69 -3.99
C SER A 38 14.17 20.10 -3.26
N VAL A 39 14.28 18.78 -3.35
CA VAL A 39 15.38 18.04 -2.76
C VAL A 39 16.09 17.10 -3.77
N GLU A 40 17.33 17.45 -4.09
CA GLU A 40 18.25 16.61 -4.85
C GLU A 40 19.47 16.26 -3.99
N GLN A 44 19.73 16.18 2.03
CA GLN A 44 18.95 15.81 3.20
C GLN A 44 18.74 17.02 4.12
N PRO A 45 17.80 17.93 3.78
CA PRO A 45 17.57 19.08 4.68
C PRO A 45 17.30 18.62 6.13
N PRO A 46 17.89 19.33 7.11
CA PRO A 46 17.70 18.89 8.48
C PRO A 46 16.26 18.91 8.97
N LYS A 47 15.43 19.84 8.47
CA LYS A 47 14.02 19.86 8.87
C LYS A 47 13.30 18.60 8.34
N LEU A 48 13.76 18.13 7.19
CA LEU A 48 13.21 16.90 6.62
C LEU A 48 13.58 15.69 7.46
N ILE A 49 14.88 15.54 7.74
CA ILE A 49 15.33 14.43 8.61
C ILE A 49 14.74 14.55 10.02
N GLU A 50 14.52 15.78 10.51
CA GLU A 50 13.87 15.98 11.80
C GLU A 50 12.48 15.34 11.91
N VAL A 51 11.68 15.48 10.84
CA VAL A 51 10.28 15.01 10.85
C VAL A 51 10.13 13.63 10.21
N ASN A 52 11.05 13.30 9.32
CA ASN A 52 11.07 11.99 8.64
C ASN A 52 12.47 11.37 8.71
N PRO A 53 12.71 10.53 9.72
CA PRO A 53 14.03 9.96 9.87
C PRO A 53 14.48 9.00 8.75
N TYR A 54 13.58 8.58 7.87
CA TYR A 54 13.93 7.79 6.70
C TYR A 54 14.49 8.69 5.59
N GLY A 55 14.18 9.98 5.69
CA GLY A 55 14.62 10.97 4.68
C GLY A 55 14.09 10.70 3.29
N SER A 56 12.91 10.08 3.22
CA SER A 56 12.38 9.71 1.90
C SER A 56 11.54 10.84 1.35
N LEU A 57 11.32 10.79 0.03
CA LEU A 57 10.58 11.82 -0.68
C LEU A 57 9.50 11.13 -1.50
N PRO A 58 8.29 11.71 -1.55
CA PRO A 58 7.92 13.00 -0.98
C PRO A 58 7.58 12.93 0.50
N THR A 59 7.75 14.06 1.18
CA THR A 59 7.33 14.16 2.58
C THR A 59 6.49 15.41 2.69
N LEU A 60 5.31 15.26 3.27
CA LEU A 60 4.42 16.41 3.49
C LEU A 60 4.53 16.84 4.94
N VAL A 61 4.64 18.17 5.17
CA VAL A 61 4.74 18.69 6.52
C VAL A 61 3.80 19.89 6.71
N ASP A 62 3.23 19.99 7.92
CA ASP A 62 2.31 21.08 8.28
C ASP A 62 2.51 21.19 9.79
N ARG A 63 1.82 22.15 10.41
CA ARG A 63 1.80 22.20 11.86
C ARG A 63 1.41 20.83 12.42
N LEU A 65 2.00 17.74 11.63
CA LEU A 65 1.79 16.76 10.60
C LEU A 65 3.13 16.45 9.95
N ALA A 66 3.45 15.17 9.83
CA ALA A 66 4.58 14.76 9.01
C ALA A 66 4.23 13.45 8.38
N LEU A 67 4.10 13.44 7.06
CA LEU A 67 3.70 12.23 6.34
C LEU A 67 4.60 11.94 5.17
N TRP A 68 4.77 10.67 4.89
CA TRP A 68 5.54 10.26 3.71
C TRP A 68 4.94 8.94 3.21
N GLU A 69 5.53 8.44 2.11
N GLU A 69 5.50 8.41 2.11
CA GLU A 69 4.96 7.41 1.23
CA GLU A 69 4.90 7.36 1.26
C GLU A 69 3.83 8.00 0.41
C GLU A 69 3.82 8.01 0.40
N SER A 70 4.00 7.96 -0.92
CA SER A 70 3.10 8.69 -1.79
C SER A 70 1.65 8.32 -1.59
N THR A 71 1.31 7.06 -1.37
CA THR A 71 -0.10 6.68 -1.19
C THR A 71 -0.69 7.21 0.12
N VAL A 72 0.13 7.27 1.17
CA VAL A 72 -0.32 7.84 2.44
C VAL A 72 -0.66 9.30 2.24
N VAL A 73 0.26 10.00 1.56
CA VAL A 73 0.17 11.45 1.37
C VAL A 73 -1.02 11.75 0.45
N GLU A 75 -3.79 9.99 -0.07
N GLU A 75 -3.72 10.02 -0.03
CA GLU A 75 -5.09 9.78 0.59
CA GLU A 75 -4.95 9.72 0.64
C GLU A 75 -5.34 10.81 1.71
C GLU A 75 -5.31 10.75 1.71
N TYR A 76 -4.29 11.22 2.42
CA TYR A 76 -4.47 12.31 3.39
C TYR A 76 -5.03 13.55 2.66
N LEU A 77 -4.41 13.91 1.56
CA LEU A 77 -4.82 15.11 0.82
C LEU A 77 -6.25 14.97 0.34
N ASP A 78 -6.65 13.77 -0.10
CA ASP A 78 -8.02 13.60 -0.59
C ASP A 78 -9.04 13.70 0.55
N GLU A 79 -8.67 13.24 1.73
CA GLU A 79 -9.56 13.32 2.91
C GLU A 79 -9.60 14.71 3.56
N ARG A 80 -8.45 15.37 3.60
CA ARG A 80 -8.33 16.68 4.23
C ARG A 80 -8.95 17.81 3.39
N TYR A 81 -8.79 17.71 2.07
CA TYR A 81 -9.23 18.75 1.16
C TYR A 81 -10.18 18.12 0.16
N PRO A 82 -11.50 18.13 0.45
CA PRO A 82 -12.37 17.24 -0.34
C PRO A 82 -12.56 17.53 -1.81
N HIS A 83 -12.47 18.79 -2.25
CA HIS A 83 -12.72 19.12 -3.65
C HIS A 83 -11.50 19.45 -4.50
N PRO A 84 -11.42 18.89 -5.72
CA PRO A 84 -12.38 17.92 -6.25
C PRO A 84 -12.10 16.54 -5.67
N PRO A 85 -13.14 15.69 -5.53
CA PRO A 85 -12.87 14.34 -5.05
C PRO A 85 -12.00 13.55 -6.01
N LEU A 86 -10.99 12.86 -5.48
CA LEU A 86 -10.07 12.09 -6.31
C LEU A 86 -10.22 10.59 -6.08
N LEU A 87 -11.23 10.24 -5.30
CA LEU A 87 -11.67 8.84 -5.12
C LEU A 87 -13.17 8.77 -5.21
N PRO A 88 -13.69 7.59 -5.58
CA PRO A 88 -15.13 7.35 -5.49
C PRO A 88 -15.69 7.51 -4.07
N VAL A 89 -17.01 7.60 -3.96
CA VAL A 89 -17.66 7.85 -2.68
C VAL A 89 -18.03 6.56 -1.96
N TYR A 90 -18.36 5.52 -2.73
CA TYR A 90 -18.87 4.31 -2.17
C TYR A 90 -17.83 3.21 -2.03
N PRO A 91 -18.01 2.28 -1.05
CA PRO A 91 -16.92 1.34 -0.74
C PRO A 91 -16.45 0.44 -1.87
N VAL A 92 -17.37 -0.08 -2.68
CA VAL A 92 -16.92 -0.97 -3.74
C VAL A 92 -16.05 -0.26 -4.79
N ALA A 93 -16.52 0.88 -5.27
CA ALA A 93 -15.76 1.64 -6.24
C ALA A 93 -14.42 2.13 -5.68
N ARG A 94 -14.41 2.52 -4.39
CA ARG A 94 -13.19 2.92 -3.75
C ARG A 94 -12.20 1.76 -3.67
N ALA A 95 -12.71 0.56 -3.38
CA ALA A 95 -11.81 -0.62 -3.31
C ALA A 95 -11.28 -0.91 -4.70
N ASN A 96 -12.13 -0.78 -5.72
CA ASN A 96 -11.64 -0.97 -7.08
C ASN A 96 -10.52 0.01 -7.46
N SER A 97 -10.66 1.27 -7.06
CA SER A 97 -9.64 2.25 -7.29
C SER A 97 -8.35 1.97 -6.55
N ARG A 98 -8.48 1.59 -5.28
CA ARG A 98 -7.29 1.20 -4.51
C ARG A 98 -6.60 -0.01 -5.13
N LEU A 99 -7.38 -1.01 -5.56
CA LEU A 99 -6.77 -2.18 -6.21
C LEU A 99 -6.07 -1.80 -7.54
N LEU A 100 -6.67 -0.89 -8.31
CA LEU A 100 -5.98 -0.43 -9.53
C LEU A 100 -4.66 0.24 -9.22
N ILE A 101 -4.62 1.06 -8.19
CA ILE A 101 -3.38 1.69 -7.75
C ILE A 101 -2.36 0.61 -7.41
N HIS A 102 -2.78 -0.43 -6.65
CA HIS A 102 -1.83 -1.50 -6.33
C HIS A 102 -1.31 -2.20 -7.59
N ARG A 103 -2.19 -2.47 -8.56
CA ARG A 103 -1.78 -3.16 -9.78
C ARG A 103 -0.84 -2.29 -10.61
N ILE A 104 -1.12 -0.98 -10.68
CA ILE A 104 -0.22 -0.05 -11.35
C ILE A 104 1.16 -0.07 -10.69
N GLN A 105 1.15 -0.05 -9.37
CA GLN A 105 2.42 -0.12 -8.63
C GLN A 105 3.19 -1.40 -8.93
N ARG A 106 2.51 -2.54 -8.79
CA ARG A 106 3.17 -3.82 -8.94
C ARG A 106 3.69 -4.04 -10.38
N ASP A 107 2.84 -3.76 -11.35
CA ASP A 107 3.08 -4.22 -12.73
C ASP A 107 3.74 -3.16 -13.60
N TRP A 108 3.48 -1.90 -13.32
CA TRP A 108 4.00 -0.82 -14.16
C TRP A 108 5.11 -0.03 -13.45
N CYS A 109 4.85 0.38 -12.21
CA CYS A 109 5.87 1.14 -11.49
C CYS A 109 7.09 0.29 -11.22
N GLY A 110 6.91 -1.03 -11.02
CA GLY A 110 8.05 -1.91 -10.78
C GLY A 110 8.98 -1.85 -12.00
N GLN A 111 8.38 -1.78 -13.18
CA GLN A 111 9.19 -1.73 -14.42
C GLN A 111 9.87 -0.38 -14.56
N VAL A 112 9.16 0.69 -14.23
CA VAL A 112 9.73 2.02 -14.31
C VAL A 112 10.97 2.05 -13.42
N ASP A 113 10.80 1.60 -12.18
CA ASP A 113 11.89 1.65 -11.22
C ASP A 113 13.09 0.82 -11.68
N LEU A 114 12.82 -0.34 -12.28
N LEU A 114 12.82 -0.36 -12.27
CA LEU A 114 13.86 -1.20 -12.78
CA LEU A 114 13.87 -1.21 -12.83
C LEU A 114 14.66 -0.50 -13.90
C LEU A 114 14.67 -0.47 -13.90
N ILE A 115 13.95 0.16 -14.82
CA ILE A 115 14.60 0.86 -15.94
C ILE A 115 15.48 2.01 -15.42
N LEU A 116 14.98 2.75 -14.44
CA LEU A 116 15.73 3.90 -13.94
C LEU A 116 16.83 3.56 -12.96
N ASP A 117 16.80 2.35 -12.38
CA ASP A 117 17.81 2.02 -11.35
C ASP A 117 19.18 1.94 -12.02
N PRO A 118 20.18 2.69 -11.49
CA PRO A 118 21.51 2.65 -12.09
C PRO A 118 22.24 1.28 -11.98
N ARG A 119 21.71 0.35 -11.18
CA ARG A 119 22.31 -0.97 -11.08
C ARG A 119 21.75 -2.01 -12.07
N THR A 120 20.71 -1.65 -12.80
CA THR A 120 20.11 -2.60 -13.77
C THR A 120 20.95 -2.81 -15.05
N LYS A 121 21.16 -4.07 -15.40
CA LYS A 121 21.84 -4.47 -16.63
C LYS A 121 21.09 -3.86 -17.80
N GLU A 122 21.81 -3.29 -18.78
CA GLU A 122 21.14 -2.67 -19.94
C GLU A 122 20.20 -3.66 -20.64
N ALA A 123 20.65 -4.91 -20.84
CA ALA A 123 19.73 -5.91 -21.40
C ALA A 123 18.43 -6.09 -20.59
N ALA A 124 18.51 -6.06 -19.26
CA ALA A 124 17.31 -6.07 -18.40
C ALA A 124 16.45 -4.82 -18.55
N ARG A 125 17.07 -3.67 -18.82
CA ARG A 125 16.29 -2.45 -19.11
C ARG A 125 15.51 -2.64 -20.41
N VAL A 126 16.15 -3.25 -21.40
CA VAL A 126 15.48 -3.43 -22.69
C VAL A 126 14.26 -4.31 -22.49
N GLN A 127 14.42 -5.37 -21.69
CA GLN A 127 13.31 -6.27 -21.41
C GLN A 127 12.19 -5.61 -20.65
N ALA A 128 12.54 -4.82 -19.64
CA ALA A 128 11.52 -4.13 -18.89
C ALA A 128 10.76 -3.13 -19.75
N ARG A 129 11.48 -2.48 -20.68
CA ARG A 129 10.83 -1.55 -21.62
C ARG A 129 9.80 -2.27 -22.48
N LYS A 130 10.17 -3.45 -22.98
CA LYS A 130 9.28 -4.30 -23.80
C LYS A 130 8.03 -4.68 -22.98
N GLU A 131 8.24 -5.17 -21.76
CA GLU A 131 7.15 -5.65 -20.92
C GLU A 131 6.15 -4.53 -20.57
N LEU A 132 6.70 -3.35 -20.26
CA LEU A 132 5.87 -2.19 -19.92
C LEU A 132 5.14 -1.67 -21.17
N ARG A 133 5.87 -1.58 -22.28
CA ARG A 133 5.24 -1.16 -23.54
C ARG A 133 4.07 -2.05 -23.92
N GLU A 134 4.29 -3.37 -23.83
CA GLU A 134 3.27 -4.33 -24.22
C GLU A 134 2.09 -4.31 -23.27
N SER A 135 2.37 -4.15 -21.97
CA SER A 135 1.31 -4.14 -20.97
C SER A 135 0.42 -2.92 -21.14
N LEU A 136 1.05 -1.76 -21.36
CA LEU A 136 0.30 -0.53 -21.58
C LEU A 136 -0.51 -0.65 -22.88
N THR A 137 0.07 -1.24 -23.92
CA THR A 137 -0.64 -1.42 -25.18
C THR A 137 -1.85 -2.33 -24.99
N GLY A 138 -1.69 -3.36 -24.16
CA GLY A 138 -2.77 -4.33 -23.93
C GLY A 138 -3.98 -3.74 -23.23
N VAL A 139 -3.70 -2.74 -22.38
N VAL A 139 -3.78 -2.90 -22.22
CA VAL A 139 -4.73 -1.99 -21.65
CA VAL A 139 -4.94 -2.36 -21.48
C VAL A 139 -5.28 -0.77 -22.43
C VAL A 139 -5.50 -1.14 -22.20
N SER A 140 -4.61 -0.36 -23.52
N SER A 140 -4.77 -0.68 -23.22
CA SER A 140 -5.02 0.86 -24.22
CA SER A 140 -5.07 0.60 -23.90
C SER A 140 -6.51 0.87 -24.63
C SER A 140 -6.50 0.76 -24.40
N PRO A 141 -7.10 -0.30 -24.99
CA PRO A 141 -8.53 -0.23 -25.37
C PRO A 141 -9.46 0.29 -24.26
N LEU A 142 -9.08 0.12 -22.99
CA LEU A 142 -9.94 0.60 -21.90
C LEU A 142 -10.03 2.11 -21.85
N PHE A 143 -9.08 2.78 -22.48
CA PHE A 143 -9.08 4.26 -22.54
C PHE A 143 -10.06 4.81 -23.59
N ALA A 144 -10.68 3.93 -24.35
CA ALA A 144 -11.70 4.39 -25.31
C ALA A 144 -13.06 4.49 -24.64
N ASP A 145 -13.21 3.83 -23.49
CA ASP A 145 -14.52 3.68 -22.83
C ASP A 145 -14.87 4.78 -21.82
N LYS A 146 -13.86 5.40 -21.21
CA LYS A 146 -14.09 6.45 -20.23
C LYS A 146 -12.99 7.49 -20.40
N PRO A 147 -13.27 8.77 -20.07
CA PRO A 147 -12.31 9.84 -20.35
C PRO A 147 -11.13 9.91 -19.37
N PHE A 148 -11.28 9.26 -18.23
CA PHE A 148 -10.17 9.10 -17.29
C PHE A 148 -10.00 7.60 -17.10
N PHE A 149 -8.99 7.16 -16.37
CA PHE A 149 -8.69 5.72 -16.41
C PHE A 149 -9.74 4.99 -15.61
N LEU A 150 -10.64 4.32 -16.33
CA LEU A 150 -11.76 3.58 -15.77
C LEU A 150 -12.63 4.45 -14.85
N SER A 151 -12.84 5.69 -15.28
CA SER A 151 -13.50 6.69 -14.45
C SER A 151 -14.02 7.83 -15.30
N GLU A 152 -15.15 8.39 -14.88
CA GLU A 152 -15.67 9.61 -15.46
C GLU A 152 -14.99 10.89 -14.98
N GLU A 153 -14.20 10.80 -13.90
CA GLU A 153 -13.59 11.97 -13.28
C GLU A 153 -12.13 11.67 -12.97
N GLN A 154 -11.29 12.70 -12.99
CA GLN A 154 -9.87 12.55 -12.60
C GLN A 154 -9.80 11.91 -11.21
N SER A 155 -8.90 10.96 -11.01
CA SER A 155 -8.80 10.33 -9.69
C SER A 155 -7.36 10.05 -9.34
N LEU A 156 -7.17 9.52 -8.13
CA LEU A 156 -5.84 9.12 -7.69
C LEU A 156 -5.22 8.09 -8.60
N VAL A 157 -6.05 7.28 -9.28
CA VAL A 157 -5.53 6.33 -10.27
C VAL A 157 -4.78 7.08 -11.38
N ASP A 158 -5.40 8.11 -11.95
CA ASP A 158 -4.71 8.98 -12.92
C ASP A 158 -3.46 9.63 -12.36
N CYS A 159 -3.51 10.05 -11.10
CA CYS A 159 -2.35 10.70 -10.48
C CYS A 159 -1.15 9.77 -10.38
N CYS A 160 -1.42 8.45 -10.31
CA CYS A 160 -0.32 7.46 -10.31
C CYS A 160 0.11 7.14 -11.72
N LEU A 161 -0.82 7.15 -12.66
CA LEU A 161 -0.45 6.82 -14.03
C LEU A 161 0.29 7.94 -14.78
N LEU A 162 -0.16 9.18 -14.62
CA LEU A 162 0.40 10.25 -15.46
C LEU A 162 1.91 10.45 -15.30
N PRO A 163 2.47 10.35 -14.07
CA PRO A 163 3.93 10.46 -14.00
C PRO A 163 4.69 9.41 -14.81
N ILE A 164 4.15 8.19 -14.88
CA ILE A 164 4.77 7.12 -15.69
C ILE A 164 4.64 7.48 -17.17
N LEU A 165 3.45 7.89 -17.60
CA LEU A 165 3.25 8.18 -19.01
C LEU A 165 4.07 9.40 -19.46
N TRP A 166 4.22 10.39 -18.58
CA TRP A 166 5.00 11.54 -18.92
C TRP A 166 6.42 11.12 -19.23
N ARG A 167 6.89 10.07 -18.52
CA ARG A 167 8.30 9.62 -18.60
C ARG A 167 8.60 8.59 -19.70
N LEU A 168 7.63 8.28 -20.56
CA LEU A 168 7.92 7.22 -21.55
C LEU A 168 9.17 7.55 -22.41
N PRO A 169 9.31 8.80 -22.89
CA PRO A 169 10.53 9.09 -23.67
C PRO A 169 11.85 8.88 -22.91
N VAL A 170 11.93 9.32 -21.66
CA VAL A 170 13.16 9.13 -20.90
C VAL A 170 13.35 7.68 -20.48
N LEU A 171 12.25 6.91 -20.47
CA LEU A 171 12.31 5.47 -20.24
C LEU A 171 12.65 4.68 -21.46
N GLY A 172 12.78 5.38 -22.59
CA GLY A 172 13.04 4.69 -23.89
C GLY A 172 11.91 3.86 -24.45
N ILE A 173 10.67 4.30 -24.20
CA ILE A 173 9.48 3.55 -24.63
C ILE A 173 8.67 4.43 -25.56
N GLU A 174 8.44 3.91 -26.76
CA GLU A 174 7.48 4.50 -27.70
C GLU A 174 6.28 3.58 -27.86
N LEU A 175 5.08 4.08 -27.54
CA LEU A 175 3.86 3.29 -27.73
C LEU A 175 3.51 3.18 -29.22
N PRO A 176 3.02 2.00 -29.63
CA PRO A 176 2.62 1.81 -31.03
C PRO A 176 1.31 2.54 -31.34
N ARG A 177 1.02 2.77 -32.63
CA ARG A 177 -0.21 3.45 -33.02
C ARG A 177 -1.46 2.70 -32.55
N GLN A 178 -1.33 1.38 -32.39
CA GLN A 178 -2.36 0.52 -31.84
C GLN A 178 -2.87 1.05 -30.50
N ALA A 179 -2.01 1.75 -29.75
CA ALA A 179 -2.37 2.28 -28.45
C ALA A 179 -3.01 3.64 -28.50
N LYS A 180 -3.64 3.98 -29.63
CA LYS A 180 -4.23 5.33 -29.83
C LYS A 180 -5.10 5.87 -28.67
N PRO A 181 -6.03 5.06 -28.11
CA PRO A 181 -6.85 5.64 -27.03
C PRO A 181 -6.02 6.09 -25.83
N LEU A 182 -4.91 5.40 -25.55
CA LEU A 182 -4.05 5.75 -24.43
C LEU A 182 -3.26 7.00 -24.79
N LEU A 183 -2.80 7.05 -26.04
CA LEU A 183 -2.10 8.23 -26.54
C LEU A 183 -3.01 9.46 -26.49
N ASP A 184 -4.29 9.27 -26.83
CA ASP A 184 -5.26 10.38 -26.80
C ASP A 184 -5.49 10.81 -25.36
N TYR A 185 -5.61 9.86 -24.45
CA TYR A 185 -5.68 10.15 -23.02
C TYR A 185 -4.49 11.02 -22.56
N GLU A 187 -2.58 13.00 -24.40
CA GLU A 187 -2.74 14.33 -24.99
C GLU A 187 -3.66 15.22 -24.14
N ARG A 188 -4.83 14.71 -23.78
CA ARG A 188 -5.80 15.50 -23.01
C ARG A 188 -5.25 15.78 -21.63
N GLN A 189 -4.71 14.75 -20.99
CA GLN A 189 -4.28 14.88 -19.59
C GLN A 189 -3.08 15.81 -19.42
N PHE A 190 -2.13 15.72 -20.33
CA PHE A 190 -0.92 16.53 -20.19
C PHE A 190 -1.21 18.02 -20.37
N ALA A 191 -2.31 18.35 -21.06
CA ALA A 191 -2.69 19.74 -21.27
C ALA A 191 -3.52 20.33 -20.14
N ARG A 192 -4.02 19.49 -19.24
CA ARG A 192 -4.91 19.94 -18.17
C ARG A 192 -4.15 20.86 -17.24
N GLU A 193 -4.79 21.95 -16.81
CA GLU A 193 -4.17 22.91 -15.90
C GLU A 193 -3.43 22.34 -14.68
N ALA A 194 -4.06 21.44 -13.94
CA ALA A 194 -3.37 20.91 -12.75
C ALA A 194 -2.14 20.10 -13.07
N PHE A 195 -2.23 19.26 -14.10
CA PHE A 195 -1.07 18.47 -14.45
C PHE A 195 0.06 19.42 -14.89
N GLN A 196 -0.27 20.41 -15.70
CA GLN A 196 0.74 21.38 -16.09
C GLN A 196 1.38 22.05 -14.86
N ALA A 197 0.56 22.42 -13.89
CA ALA A 197 1.11 23.05 -12.67
C ALA A 197 2.01 22.13 -11.86
N SER A 198 1.80 20.82 -11.99
CA SER A 198 2.56 19.86 -11.21
C SER A 198 4.02 19.71 -11.67
N LEU A 199 4.31 20.11 -12.90
CA LEU A 199 5.59 19.76 -13.55
C LEU A 199 6.75 20.56 -12.99
N SER A 200 7.79 19.88 -12.57
CA SER A 200 9.02 20.57 -12.25
C SER A 200 9.76 20.93 -13.53
N GLY A 201 10.76 21.80 -13.38
CA GLY A 201 11.65 22.12 -14.51
C GLY A 201 12.33 20.89 -15.09
N VAL A 202 12.86 20.06 -14.19
CA VAL A 202 13.50 18.79 -14.55
C VAL A 202 12.53 17.90 -15.36
N GLU A 203 11.27 17.85 -14.96
CA GLU A 203 10.29 17.05 -15.70
C GLU A 203 9.96 17.63 -17.05
N ARG A 204 9.87 18.97 -17.11
CA ARG A 204 9.66 19.61 -18.43
C ARG A 204 10.77 19.25 -19.41
N ASP A 205 12.01 19.16 -18.91
CA ASP A 205 13.18 18.82 -19.75
C ASP A 205 13.07 17.40 -20.34
N ARG A 207 10.61 16.10 -21.92
CA ARG A 207 9.92 16.13 -23.24
C ARG A 207 10.27 17.42 -24.01
N LEU B 9 -20.30 -14.24 0.49
CA LEU B 9 -18.98 -13.66 0.94
C LEU B 9 -17.94 -14.73 1.29
N ALA B 10 -16.82 -14.71 0.57
CA ALA B 10 -15.79 -15.73 0.75
C ALA B 10 -14.42 -15.10 0.79
N CYS B 11 -13.48 -15.74 1.49
CA CYS B 11 -12.10 -15.28 1.53
C CYS B 11 -11.19 -16.47 1.24
N TYR B 12 -10.46 -16.41 0.13
CA TYR B 12 -9.41 -17.38 -0.12
C TYR B 12 -8.22 -16.97 0.74
N SER B 13 -7.72 -17.90 1.55
CA SER B 13 -6.79 -17.57 2.64
C SER B 13 -5.76 -18.64 2.73
N ASP B 14 -4.50 -18.24 2.85
CA ASP B 14 -3.44 -19.18 3.21
C ASP B 14 -3.39 -19.31 4.73
N PRO B 15 -3.70 -20.50 5.26
CA PRO B 15 -3.80 -20.59 6.71
C PRO B 15 -2.48 -20.40 7.42
N ALA B 16 -1.37 -20.50 6.71
CA ALA B 16 -0.07 -20.21 7.32
C ALA B 16 0.45 -18.78 7.21
N ASP B 17 -0.27 -17.96 6.43
N ASP B 17 -0.18 -17.97 6.37
CA ASP B 17 0.18 -16.66 5.88
CA ASP B 17 0.47 -16.73 5.97
C ASP B 17 -0.17 -15.49 6.77
C ASP B 17 -0.09 -15.52 6.67
N HIS B 18 0.81 -14.69 7.19
CA HIS B 18 0.45 -13.54 8.00
C HIS B 18 -0.41 -12.49 7.28
N TYR B 19 -0.29 -12.36 5.96
CA TYR B 19 -1.12 -11.39 5.22
C TYR B 19 -2.55 -11.87 5.18
N SER B 20 -2.76 -13.19 5.08
CA SER B 20 -4.13 -13.73 5.13
C SER B 20 -4.67 -13.56 6.55
N HIS B 21 -3.80 -13.74 7.53
CA HIS B 21 -4.17 -13.57 8.93
C HIS B 21 -4.71 -12.17 9.20
N ARG B 22 -4.11 -11.15 8.59
CA ARG B 22 -4.61 -9.79 8.76
C ARG B 22 -6.09 -9.70 8.43
N VAL B 23 -6.45 -10.28 7.28
CA VAL B 23 -7.84 -10.15 6.83
C VAL B 23 -8.80 -10.99 7.69
N ARG B 24 -8.36 -12.15 8.11
CA ARG B 24 -9.13 -12.96 9.07
C ARG B 24 -9.37 -12.21 10.39
N ILE B 25 -8.38 -11.43 10.86
CA ILE B 25 -8.63 -10.60 12.05
C ILE B 25 -9.69 -9.54 11.80
N VAL B 26 -9.57 -8.80 10.70
CA VAL B 26 -10.58 -7.78 10.37
C VAL B 26 -11.97 -8.40 10.28
N LEU B 27 -12.11 -9.52 9.58
CA LEU B 27 -13.41 -10.18 9.48
C LEU B 27 -13.94 -10.52 10.86
N ALA B 28 -13.08 -11.07 11.72
CA ALA B 28 -13.51 -11.41 13.09
C ALA B 28 -13.89 -10.17 13.90
N GLU B 29 -13.16 -9.05 13.75
CA GLU B 29 -13.51 -7.84 14.50
C GLU B 29 -14.89 -7.31 14.08
N LYS B 30 -15.19 -7.44 12.79
CA LYS B 30 -16.46 -6.95 12.25
C LYS B 30 -17.58 -7.91 12.49
N GLY B 31 -17.27 -9.13 12.95
CA GLY B 31 -18.34 -10.12 13.20
C GLY B 31 -18.94 -10.63 11.91
N VAL B 32 -18.13 -10.67 10.86
CA VAL B 32 -18.58 -11.14 9.54
C VAL B 32 -18.08 -12.57 9.34
N SER B 33 -19.02 -13.49 9.18
N SER B 33 -19.00 -13.50 9.10
CA SER B 33 -18.68 -14.86 8.90
CA SER B 33 -18.65 -14.91 8.95
C SER B 33 -18.60 -15.02 7.37
C SER B 33 -18.49 -15.35 7.49
N ALA B 34 -17.39 -14.95 6.88
CA ALA B 34 -17.12 -15.25 5.47
C ALA B 34 -16.83 -16.73 5.38
N GLU B 35 -17.07 -17.30 4.21
CA GLU B 35 -16.63 -18.65 3.94
C GLU B 35 -15.12 -18.58 3.71
N ILE B 36 -14.37 -19.20 4.62
N ILE B 36 -14.37 -19.11 4.68
CA ILE B 36 -12.89 -19.14 4.59
CA ILE B 36 -12.92 -19.17 4.56
C ILE B 36 -12.31 -20.37 3.86
C ILE B 36 -12.56 -20.40 3.73
N ILE B 37 -11.89 -20.15 2.61
CA ILE B 37 -11.46 -21.23 1.72
C ILE B 37 -9.94 -21.31 1.85
N SER B 38 -9.43 -22.38 2.48
CA SER B 38 -8.00 -22.46 2.77
C SER B 38 -7.28 -22.91 1.48
N VAL B 39 -6.23 -22.16 1.13
CA VAL B 39 -5.42 -22.46 -0.05
C VAL B 39 -4.00 -22.60 0.41
N GLU B 40 -3.40 -23.78 0.21
CA GLU B 40 -2.00 -23.89 0.63
C GLU B 40 -1.11 -23.01 -0.24
N ALA B 41 0.00 -22.53 0.33
CA ALA B 41 0.90 -21.59 -0.36
C ALA B 41 1.29 -22.06 -1.77
N GLY B 42 1.30 -21.11 -2.71
CA GLY B 42 1.64 -21.38 -4.10
C GLY B 42 0.42 -21.80 -4.89
N PRO B 45 -6.38 -23.06 -6.53
CA PRO B 45 -7.53 -23.70 -7.17
C PRO B 45 -8.13 -22.87 -8.34
N PRO B 46 -8.80 -23.55 -9.29
CA PRO B 46 -9.32 -22.84 -10.47
C PRO B 46 -10.19 -21.61 -10.22
N LYS B 47 -11.04 -21.68 -9.18
N LYS B 47 -11.09 -21.64 -9.25
CA LYS B 47 -12.00 -20.63 -8.86
CA LYS B 47 -11.98 -20.50 -9.05
C LYS B 47 -11.28 -19.35 -8.43
C LYS B 47 -11.25 -19.28 -8.48
N LEU B 48 -10.11 -19.51 -7.82
CA LEU B 48 -9.34 -18.36 -7.34
C LEU B 48 -8.69 -17.73 -8.56
N ILE B 49 -8.12 -18.55 -9.44
CA ILE B 49 -7.46 -17.98 -10.62
C ILE B 49 -8.50 -17.30 -11.54
N GLU B 50 -9.72 -17.84 -11.56
CA GLU B 50 -10.81 -17.25 -12.35
C GLU B 50 -11.14 -15.81 -11.92
N VAL B 51 -11.15 -15.54 -10.62
CA VAL B 51 -11.55 -14.20 -10.12
C VAL B 51 -10.37 -13.27 -9.90
N ASN B 52 -9.16 -13.84 -9.77
CA ASN B 52 -7.94 -13.12 -9.48
C ASN B 52 -6.82 -13.75 -10.28
N PRO B 53 -6.58 -13.20 -11.47
CA PRO B 53 -5.56 -13.76 -12.34
C PRO B 53 -4.14 -13.77 -11.74
N TYR B 54 -3.92 -13.05 -10.65
CA TYR B 54 -2.61 -13.07 -9.99
C TYR B 54 -2.46 -14.28 -9.07
N GLY B 55 -3.59 -14.88 -8.71
CA GLY B 55 -3.60 -16.02 -7.80
C GLY B 55 -3.03 -15.70 -6.43
N SER B 56 -3.15 -14.45 -5.98
CA SER B 56 -2.52 -14.06 -4.72
C SER B 56 -3.49 -14.26 -3.56
N LEU B 57 -2.94 -14.37 -2.35
CA LEU B 57 -3.72 -14.59 -1.13
C LEU B 57 -3.36 -13.55 -0.09
N PRO B 58 -4.37 -13.01 0.61
CA PRO B 58 -5.79 -13.38 0.56
C PRO B 58 -6.52 -12.73 -0.61
N THR B 59 -7.60 -13.37 -1.04
CA THR B 59 -8.52 -12.77 -2.00
C THR B 59 -9.92 -12.84 -1.41
N LEU B 60 -10.60 -11.69 -1.34
CA LEU B 60 -11.99 -11.61 -0.88
C LEU B 60 -12.92 -11.58 -2.12
N VAL B 61 -14.01 -12.34 -2.05
CA VAL B 61 -15.02 -12.31 -3.10
C VAL B 61 -16.36 -11.94 -2.45
N ASP B 62 -16.99 -10.85 -2.92
CA ASP B 62 -18.23 -10.32 -2.34
C ASP B 62 -19.21 -10.29 -3.52
N ARG B 63 -20.16 -11.22 -3.52
N ARG B 63 -20.09 -11.28 -3.61
CA ARG B 63 -20.94 -11.51 -4.72
CA ARG B 63 -21.02 -11.44 -4.75
C ARG B 63 -20.00 -11.83 -5.88
C ARG B 63 -20.45 -11.25 -6.17
N ASP B 64 -19.93 -10.93 -6.87
N ASP B 64 -19.23 -11.70 -6.42
CA ASP B 64 -19.04 -11.07 -8.03
CA ASP B 64 -18.59 -11.53 -7.73
C ASP B 64 -17.83 -10.09 -8.00
C ASP B 64 -17.61 -10.33 -7.85
N LEU B 65 -17.61 -9.42 -6.87
CA LEU B 65 -16.49 -8.48 -6.70
C LEU B 65 -15.31 -9.24 -6.11
N ALA B 66 -14.14 -9.22 -6.76
CA ALA B 66 -12.94 -9.82 -6.19
C ALA B 66 -11.92 -8.76 -5.85
N LEU B 67 -11.41 -8.85 -4.62
CA LEU B 67 -10.38 -7.93 -4.17
C LEU B 67 -9.22 -8.71 -3.59
N TRP B 68 -8.03 -8.17 -3.77
CA TRP B 68 -6.81 -8.74 -3.21
C TRP B 68 -5.88 -7.62 -2.81
N GLU B 69 -4.71 -7.97 -2.25
N GLU B 69 -4.72 -8.02 -2.27
CA GLU B 69 -3.81 -7.03 -1.54
CA GLU B 69 -3.78 -7.18 -1.53
C GLU B 69 -4.41 -6.79 -0.15
C GLU B 69 -4.40 -6.85 -0.17
N SER B 70 -3.74 -7.29 0.89
CA SER B 70 -4.33 -7.21 2.23
C SER B 70 -4.80 -5.83 2.62
N THR B 71 -4.03 -4.77 2.28
CA THR B 71 -4.47 -3.41 2.57
C THR B 71 -5.78 -2.98 1.90
N VAL B 72 -5.93 -3.37 0.63
CA VAL B 72 -7.13 -3.04 -0.12
C VAL B 72 -8.33 -3.73 0.54
N VAL B 73 -8.14 -5.01 0.86
CA VAL B 73 -9.22 -5.81 1.41
C VAL B 73 -9.58 -5.29 2.82
N GLU B 75 -9.21 -2.26 4.10
CA GLU B 75 -9.90 -0.97 4.02
C GLU B 75 -11.34 -1.14 3.46
N TYR B 76 -11.54 -2.06 2.50
CA TYR B 76 -12.90 -2.31 2.00
C TYR B 76 -13.77 -2.81 3.14
N LEU B 77 -13.26 -3.76 3.92
CA LEU B 77 -14.06 -4.30 5.02
C LEU B 77 -14.37 -3.20 6.05
N ASP B 78 -13.38 -2.35 6.36
CA ASP B 78 -13.64 -1.27 7.32
C ASP B 78 -14.66 -0.25 6.83
N GLU B 79 -14.69 -0.01 5.51
CA GLU B 79 -15.67 0.93 4.92
C GLU B 79 -17.07 0.30 4.70
N ARG B 80 -17.09 -1.00 4.37
CA ARG B 80 -18.33 -1.70 4.06
C ARG B 80 -19.09 -2.08 5.34
N TYR B 81 -18.35 -2.41 6.40
CA TYR B 81 -18.90 -2.81 7.69
C TYR B 81 -18.38 -1.84 8.72
N PRO B 82 -19.09 -0.73 8.91
CA PRO B 82 -18.47 0.36 9.67
C PRO B 82 -18.18 0.08 11.14
N HIS B 83 -18.98 -0.76 11.79
N HIS B 83 -19.01 -0.71 11.81
CA HIS B 83 -18.86 -1.00 13.23
CA HIS B 83 -18.82 -0.95 13.25
C HIS B 83 -18.23 -2.35 13.58
C HIS B 83 -18.22 -2.32 13.56
N PRO B 84 -17.23 -2.37 14.48
CA PRO B 84 -16.56 -1.24 15.13
C PRO B 84 -15.55 -0.61 14.20
N PRO B 85 -15.38 0.71 14.25
CA PRO B 85 -14.39 1.34 13.35
C PRO B 85 -12.98 0.88 13.67
N LEU B 86 -12.25 0.52 12.63
CA LEU B 86 -10.85 0.13 12.77
C LEU B 86 -9.84 1.19 12.27
N LEU B 87 -10.33 2.40 12.02
CA LEU B 87 -9.45 3.57 11.81
C LEU B 87 -10.05 4.73 12.57
N PRO B 88 -9.22 5.75 12.84
CA PRO B 88 -9.71 6.99 13.42
C PRO B 88 -10.67 7.77 12.52
N VAL B 89 -11.20 8.87 13.04
CA VAL B 89 -12.20 9.59 12.26
C VAL B 89 -11.61 10.76 11.45
N TYR B 90 -10.68 11.48 12.06
CA TYR B 90 -10.14 12.72 11.47
C TYR B 90 -8.94 12.44 10.53
N PRO B 91 -8.74 13.31 9.50
CA PRO B 91 -7.77 13.03 8.44
C PRO B 91 -6.33 12.82 8.91
N VAL B 92 -5.85 13.64 9.85
CA VAL B 92 -4.45 13.50 10.30
C VAL B 92 -4.24 12.18 11.04
N ALA B 93 -5.15 11.87 11.95
CA ALA B 93 -4.97 10.61 12.69
C ALA B 93 -5.09 9.41 11.77
N ARG B 94 -6.00 9.48 10.80
CA ARG B 94 -6.13 8.39 9.85
C ARG B 94 -4.86 8.20 9.04
N ALA B 95 -4.27 9.32 8.63
CA ALA B 95 -3.01 9.25 7.85
C ALA B 95 -1.90 8.70 8.70
N ASN B 96 -1.89 9.09 9.98
CA ASN B 96 -0.88 8.53 10.88
C ASN B 96 -1.02 7.02 11.04
N SER B 97 -2.25 6.52 11.09
CA SER B 97 -2.47 5.09 11.17
C SER B 97 -2.01 4.39 9.90
N ARG B 98 -2.35 5.03 8.76
CA ARG B 98 -1.93 4.41 7.48
C ARG B 98 -0.41 4.45 7.31
N LEU B 99 0.23 5.50 7.81
CA LEU B 99 1.68 5.56 7.78
C LEU B 99 2.30 4.49 8.68
N LEU B 100 1.70 4.26 9.84
N LEU B 100 1.72 4.26 9.85
CA LEU B 100 2.21 3.22 10.74
CA LEU B 100 2.20 3.18 10.71
C LEU B 100 2.10 1.82 10.09
C LEU B 100 2.16 1.84 9.99
N ILE B 101 1.04 1.58 9.33
CA ILE B 101 0.89 0.33 8.59
C ILE B 101 2.03 0.22 7.56
N HIS B 102 2.33 1.33 6.89
CA HIS B 102 3.42 1.32 5.90
C HIS B 102 4.77 1.04 6.57
N ARG B 103 4.99 1.60 7.76
CA ARG B 103 6.28 1.45 8.46
C ARG B 103 6.41 0.02 8.98
N ILE B 104 5.30 -0.56 9.48
CA ILE B 104 5.29 -1.99 9.87
C ILE B 104 5.61 -2.86 8.65
N GLN B 105 4.99 -2.59 7.53
CA GLN B 105 5.31 -3.34 6.33
C GLN B 105 6.79 -3.26 5.92
N ARG B 106 7.31 -2.04 5.88
CA ARG B 106 8.67 -1.78 5.40
C ARG B 106 9.72 -2.38 6.32
N ASP B 107 9.56 -2.13 7.61
CA ASP B 107 10.62 -2.39 8.59
C ASP B 107 10.50 -3.73 9.31
N TRP B 108 9.27 -4.25 9.44
CA TRP B 108 9.03 -5.53 10.14
C TRP B 108 8.58 -6.65 9.23
N CYS B 109 7.56 -6.40 8.39
CA CYS B 109 7.06 -7.48 7.52
C CYS B 109 8.06 -7.97 6.53
N GLY B 110 8.94 -7.08 6.06
CA GLY B 110 10.01 -7.47 5.14
C GLY B 110 10.92 -8.51 5.77
N GLN B 111 11.24 -8.27 7.05
CA GLN B 111 12.05 -9.21 7.83
C GLN B 111 11.33 -10.53 8.01
N VAL B 112 10.05 -10.48 8.38
CA VAL B 112 9.25 -11.70 8.55
C VAL B 112 9.30 -12.55 7.26
N ASP B 113 9.10 -11.88 6.14
CA ASP B 113 9.02 -12.56 4.85
C ASP B 113 10.35 -13.20 4.49
N LEU B 114 11.45 -12.52 4.80
CA LEU B 114 12.81 -13.06 4.55
C LEU B 114 13.02 -14.29 5.41
N ILE B 115 12.69 -14.18 6.70
CA ILE B 115 12.89 -15.30 7.62
C ILE B 115 12.12 -16.54 7.15
N LEU B 116 10.86 -16.35 6.74
CA LEU B 116 10.01 -17.48 6.43
C LEU B 116 10.21 -18.06 5.03
N ASP B 117 10.85 -17.31 4.14
CA ASP B 117 11.12 -17.80 2.76
C ASP B 117 12.20 -18.89 2.78
N PRO B 118 11.83 -20.13 2.42
CA PRO B 118 12.81 -21.22 2.40
C PRO B 118 14.03 -20.95 1.50
N ARG B 119 13.95 -19.95 0.63
CA ARG B 119 15.05 -19.64 -0.29
C ARG B 119 16.06 -18.61 0.24
N THR B 120 15.72 -17.98 1.35
CA THR B 120 16.63 -17.02 1.96
C THR B 120 17.88 -17.78 2.40
N LYS B 121 19.06 -17.21 2.11
CA LYS B 121 20.32 -17.72 2.63
C LYS B 121 20.33 -17.62 4.14
N GLU B 122 20.97 -18.59 4.80
CA GLU B 122 20.92 -18.61 6.27
C GLU B 122 21.52 -17.37 6.91
N ALA B 123 22.62 -16.85 6.38
CA ALA B 123 23.22 -15.64 6.98
C ALA B 123 22.22 -14.49 6.96
N ALA B 124 21.49 -14.35 5.85
CA ALA B 124 20.49 -13.30 5.73
C ALA B 124 19.30 -13.52 6.67
N ARG B 125 18.90 -14.79 6.84
CA ARG B 125 17.82 -15.17 7.74
C ARG B 125 18.20 -14.84 9.18
N VAL B 126 19.41 -15.20 9.56
CA VAL B 126 19.91 -14.87 10.89
C VAL B 126 19.95 -13.36 11.15
N GLN B 127 20.45 -12.59 10.18
CA GLN B 127 20.48 -11.14 10.34
C GLN B 127 19.09 -10.52 10.40
N ALA B 128 18.16 -11.03 9.59
CA ALA B 128 16.77 -10.57 9.64
C ALA B 128 16.15 -10.78 11.01
N ARG B 129 16.43 -11.93 11.60
CA ARG B 129 15.95 -12.23 12.94
C ARG B 129 16.50 -11.27 13.98
N LYS B 130 17.80 -11.01 13.91
CA LYS B 130 18.48 -10.12 14.82
C LYS B 130 17.87 -8.72 14.70
N GLU B 131 17.67 -8.25 13.47
CA GLU B 131 17.16 -6.89 13.25
C GLU B 131 15.74 -6.77 13.74
N LEU B 132 14.94 -7.79 13.50
CA LEU B 132 13.51 -7.74 13.85
C LEU B 132 13.39 -7.80 15.39
N ARG B 133 14.16 -8.66 16.02
CA ARG B 133 14.19 -8.75 17.49
C ARG B 133 14.58 -7.41 18.12
N GLU B 134 15.66 -6.81 17.62
CA GLU B 134 16.14 -5.52 18.14
C GLU B 134 15.11 -4.42 17.95
N SER B 135 14.46 -4.41 16.79
CA SER B 135 13.53 -3.34 16.44
C SER B 135 12.29 -3.43 17.30
N LEU B 136 11.79 -4.65 17.50
CA LEU B 136 10.60 -4.84 18.38
C LEU B 136 10.95 -4.51 19.81
N THR B 137 12.15 -4.89 20.24
CA THR B 137 12.56 -4.51 21.60
C THR B 137 12.65 -2.98 21.75
N GLY B 138 13.13 -2.30 20.69
CA GLY B 138 13.30 -0.84 20.69
C GLY B 138 12.00 -0.06 20.81
N VAL B 139 10.94 -0.56 20.16
CA VAL B 139 9.60 0.05 20.14
C VAL B 139 8.76 -0.30 21.38
N SER B 140 9.18 -1.34 22.11
N SER B 140 9.19 -1.31 22.14
CA SER B 140 8.42 -1.81 23.26
CA SER B 140 8.41 -1.82 23.27
C SER B 140 7.94 -0.71 24.23
C SER B 140 8.00 -0.80 24.35
N PRO B 141 8.79 0.27 24.56
CA PRO B 141 8.32 1.30 25.51
C PRO B 141 7.04 1.99 25.08
N LEU B 142 6.78 2.05 23.77
CA LEU B 142 5.57 2.71 23.27
C LEU B 142 4.29 1.96 23.63
N PHE B 143 4.42 0.71 24.06
CA PHE B 143 3.26 -0.10 24.47
C PHE B 143 2.87 0.11 25.92
N ALA B 144 3.60 0.94 26.65
CA ALA B 144 3.36 1.09 28.08
C ALA B 144 2.06 1.82 28.36
N ASP B 145 1.78 2.87 27.58
CA ASP B 145 0.79 3.87 27.98
C ASP B 145 -0.53 3.88 27.21
N LYS B 146 -0.59 3.16 26.09
CA LYS B 146 -1.83 2.97 25.34
C LYS B 146 -2.12 1.48 25.19
N PRO B 147 -3.39 1.09 25.21
CA PRO B 147 -3.75 -0.34 25.26
C PRO B 147 -3.60 -1.03 23.92
N PHE B 148 -3.66 -0.23 22.85
CA PHE B 148 -3.44 -0.74 21.48
C PHE B 148 -2.25 -0.02 20.93
N PHE B 149 -1.77 -0.42 19.75
CA PHE B 149 -0.55 0.18 19.24
C PHE B 149 -0.79 1.64 18.83
N LEU B 150 -0.24 2.53 19.66
CA LEU B 150 -0.36 3.99 19.49
C LEU B 150 -1.81 4.43 19.34
N SER B 151 -2.68 3.75 20.10
CA SER B 151 -4.12 3.91 19.98
C SER B 151 -4.86 3.49 21.23
N GLU B 152 -5.98 4.15 21.51
CA GLU B 152 -6.90 3.66 22.55
C GLU B 152 -7.92 2.64 22.11
N GLU B 153 -7.96 2.31 20.81
N GLU B 153 -7.90 2.29 20.82
CA GLU B 153 -8.92 1.35 20.30
CA GLU B 153 -8.90 1.44 20.19
C GLU B 153 -8.22 0.44 19.31
C GLU B 153 -8.20 0.45 19.26
N GLN B 154 -8.70 -0.79 19.21
CA GLN B 154 -8.19 -1.75 18.22
C GLN B 154 -8.34 -1.11 16.85
N SER B 155 -7.27 -1.20 16.06
CA SER B 155 -7.28 -0.60 14.72
C SER B 155 -6.63 -1.51 13.69
N LEU B 156 -6.70 -1.09 12.43
CA LEU B 156 -6.01 -1.83 11.38
C LEU B 156 -4.51 -1.94 11.64
N VAL B 157 -3.93 -1.03 12.42
CA VAL B 157 -2.51 -1.14 12.78
C VAL B 157 -2.28 -2.45 13.56
N ASP B 158 -3.15 -2.71 14.53
CA ASP B 158 -3.05 -3.92 15.35
C ASP B 158 -3.30 -5.17 14.50
N CYS B 159 -4.17 -5.03 13.48
CA CYS B 159 -4.47 -6.16 12.61
C CYS B 159 -3.26 -6.55 11.78
N CYS B 160 -2.36 -5.59 11.53
CA CYS B 160 -1.09 -5.91 10.82
C CYS B 160 -0.01 -6.45 11.79
N LEU B 161 -0.01 -5.92 13.01
CA LEU B 161 1.01 -6.29 13.97
C LEU B 161 0.78 -7.67 14.56
N LEU B 162 -0.45 -7.96 14.92
CA LEU B 162 -0.70 -9.20 15.65
C LEU B 162 -0.25 -10.48 14.93
N PRO B 163 -0.46 -10.59 13.61
CA PRO B 163 0.02 -11.81 12.94
C PRO B 163 1.53 -12.01 13.05
N ILE B 164 2.29 -10.91 13.04
CA ILE B 164 3.74 -11.01 13.19
C ILE B 164 4.08 -11.46 14.62
N LEU B 165 3.46 -10.81 15.61
CA LEU B 165 3.81 -11.15 16.99
C LEU B 165 3.40 -12.60 17.33
N TRP B 166 2.27 -13.03 16.77
CA TRP B 166 1.82 -14.42 16.99
C TRP B 166 2.90 -15.40 16.55
N ARG B 167 3.58 -15.03 15.45
CA ARG B 167 4.59 -15.88 14.83
C ARG B 167 5.99 -15.79 15.43
N LEU B 168 6.21 -15.05 16.52
CA LEU B 168 7.59 -14.94 17.02
C LEU B 168 8.27 -16.28 17.27
N PRO B 169 7.58 -17.24 17.89
CA PRO B 169 8.23 -18.55 18.06
C PRO B 169 8.67 -19.21 16.73
N VAL B 170 7.79 -19.23 15.73
CA VAL B 170 8.16 -19.81 14.42
C VAL B 170 9.25 -19.02 13.68
N LEU B 171 9.38 -17.73 14.01
CA LEU B 171 10.42 -16.88 13.47
C LEU B 171 11.72 -17.02 14.25
N GLY B 172 11.68 -17.77 15.34
CA GLY B 172 12.90 -17.97 16.13
C GLY B 172 13.29 -16.81 17.01
N ILE B 173 12.30 -16.00 17.42
CA ILE B 173 12.54 -14.80 18.21
C ILE B 173 11.87 -14.89 19.56
N GLU B 174 12.67 -14.69 20.62
CA GLU B 174 12.16 -14.55 21.97
C GLU B 174 12.52 -13.15 22.42
N LEU B 175 11.52 -12.38 22.82
CA LEU B 175 11.80 -11.02 23.27
C LEU B 175 12.37 -11.01 24.67
N PRO B 176 13.25 -10.04 24.94
CA PRO B 176 13.82 -9.95 26.29
C PRO B 176 12.83 -9.39 27.32
N ARG B 177 13.16 -9.57 28.60
CA ARG B 177 12.30 -9.14 29.71
C ARG B 177 12.00 -7.63 29.66
N GLN B 178 12.95 -6.85 29.16
CA GLN B 178 12.79 -5.40 29.10
C GLN B 178 11.69 -5.00 28.12
N ALA B 179 11.26 -5.95 27.29
CA ALA B 179 10.18 -5.71 26.36
C ALA B 179 8.81 -6.03 26.99
N LYS B 180 8.73 -6.05 28.31
CA LYS B 180 7.47 -6.37 29.00
C LYS B 180 6.23 -5.63 28.48
N PRO B 181 6.33 -4.30 28.20
CA PRO B 181 5.07 -3.65 27.71
C PRO B 181 4.51 -4.30 26.44
N LEU B 182 5.40 -4.71 25.55
CA LEU B 182 5.01 -5.35 24.31
C LEU B 182 4.52 -6.77 24.59
N LEU B 183 5.21 -7.50 25.48
CA LEU B 183 4.74 -8.83 25.88
C LEU B 183 3.35 -8.78 26.55
N ASP B 184 3.11 -7.75 27.35
CA ASP B 184 1.79 -7.54 27.97
C ASP B 184 0.73 -7.24 26.92
N TYR B 185 1.08 -6.42 25.92
CA TYR B 185 0.17 -6.16 24.81
C TYR B 185 -0.20 -7.49 24.13
N GLU B 187 -0.17 -10.53 25.44
CA GLU B 187 -0.99 -11.32 26.34
C GLU B 187 -2.47 -10.86 26.27
N ARG B 188 -2.72 -9.55 26.34
CA ARG B 188 -4.09 -9.02 26.26
C ARG B 188 -4.69 -9.30 24.90
N GLN B 189 -3.90 -9.04 23.86
CA GLN B 189 -4.45 -9.10 22.50
C GLN B 189 -4.74 -10.52 22.05
N PHE B 190 -3.86 -11.45 22.41
CA PHE B 190 -4.07 -12.83 21.98
C PHE B 190 -5.28 -13.46 22.66
N ALA B 191 -5.66 -12.94 23.82
CA ALA B 191 -6.82 -13.42 24.58
C ALA B 191 -8.17 -12.92 24.11
N ARG B 192 -8.17 -11.87 23.28
CA ARG B 192 -9.41 -11.26 22.83
C ARG B 192 -10.17 -12.18 21.91
N GLU B 193 -11.48 -12.19 22.05
CA GLU B 193 -12.37 -13.08 21.31
C GLU B 193 -12.10 -13.00 19.82
N ALA B 194 -11.99 -11.78 19.28
CA ALA B 194 -11.90 -11.63 17.83
C ALA B 194 -10.58 -12.20 17.34
N PHE B 195 -9.52 -12.00 18.11
CA PHE B 195 -8.23 -12.57 17.69
C PHE B 195 -8.29 -14.10 17.74
N GLN B 196 -8.83 -14.66 18.81
CA GLN B 196 -8.96 -16.11 18.89
C GLN B 196 -9.74 -16.66 17.71
N ALA B 197 -10.80 -15.93 17.32
CA ALA B 197 -11.63 -16.33 16.19
C ALA B 197 -10.92 -16.27 14.86
N SER B 198 -9.90 -15.42 14.77
CA SER B 198 -9.20 -15.22 13.52
C SER B 198 -8.24 -16.38 13.17
N LEU B 199 -7.81 -17.13 14.19
CA LEU B 199 -6.71 -18.10 14.04
C LEU B 199 -7.11 -19.26 13.15
N SER B 200 -6.27 -19.57 12.16
CA SER B 200 -6.41 -20.81 11.45
C SER B 200 -5.94 -21.96 12.33
N GLY B 201 -6.22 -23.18 11.85
CA GLY B 201 -5.75 -24.35 12.56
C GLY B 201 -4.23 -24.43 12.63
N VAL B 202 -3.59 -24.11 11.49
CA VAL B 202 -2.14 -24.07 11.35
C VAL B 202 -1.56 -23.04 12.33
N GLU B 203 -2.21 -21.86 12.40
CA GLU B 203 -1.73 -20.82 13.30
C GLU B 203 -1.88 -21.23 14.75
N ARG B 204 -3.01 -21.87 15.10
CA ARG B 204 -3.17 -22.28 16.51
C ARG B 204 -2.05 -23.20 16.96
N ASP B 205 -1.61 -24.07 16.04
CA ASP B 205 -0.56 -25.04 16.32
C ASP B 205 0.84 -24.41 16.44
N ARG B 207 1.66 -22.15 18.54
CA ARG B 207 1.91 -21.90 19.97
C ARG B 207 1.33 -23.03 20.83
#